data_2C7G
#
_entry.id   2C7G
#
_cell.length_a   146.824
_cell.length_b   81.040
_cell.length_c   41.084
_cell.angle_alpha   90.00
_cell.angle_beta   90.00
_cell.angle_gamma   90.00
#
_symmetry.space_group_name_H-M   'P 21 21 2'
#
loop_
_entity.id
_entity.type
_entity.pdbx_description
1 polymer 'NADPH-FERREDOXIN REDUCTASE FPRA'
2 non-polymer 'FLAVIN-ADENINE DINUCLEOTIDE'
3 non-polymer '4-OXO-NICOTINAMIDE-ADENINE DINUCLEOTIDE PHOSPHATE'
4 non-polymer 'SODIUM ION'
5 water water
#
_entity_poly.entity_id   1
_entity_poly.type   'polypeptide(L)'
_entity_poly.pdbx_seq_one_letter_code
;MRPYYIAIVGSGPSAFFAAASLLKAADTTEDLDMAVDMLEMLPTPWGLVRSGVAPDQPKIKSISKQFEKTAEDPRFRFFG
NVVVGEHVQPGELSERYDAVIYAVGAQSDRMLNIPGEDLPGSIAAVDFVGWYNAHPHFEQVSPDLSGARAVVIGNGNVAL
DVARILLTDPDVLARTDIADHALESLRPRGIQEVVIVGRRGPLQAAFTTLELRELADLDGVDVVIDPAELDGITDEDAAA
VGKVCKQNIKVLRGYADREPRPGHRRMVFRFLTSPIEIKGKRKVERIVLGRNELVSDGSGRVAAKDTGEREELPAQLVVR
SVGYRGVPTPGLPFDDQSGTIPNVGGRINGSPNEYVVGWIKRGPTGVIGTNKKDAQDTVDTLIKNLGNAKEGAECKSFPE
DHADQVADWLAARQPKLVTSAHWQVIDAFERAAGEPHGRPRVKLASLAELLRIGLG
;
_entity_poly.pdbx_strand_id   A
#
loop_
_chem_comp.id
_chem_comp.type
_chem_comp.name
_chem_comp.formula
FAD non-polymer 'FLAVIN-ADENINE DINUCLEOTIDE' 'C27 H33 N9 O15 P2'
NA non-polymer 'SODIUM ION' 'Na 1'
ODP RNA linking '4-OXO-NICOTINAMIDE-ADENINE DINUCLEOTIDE PHOSPHATE' 'C21 H29 N7 O18 P3 1'
#
# COMPACT_ATOMS: atom_id res chain seq x y z
N ARG A 2 -20.45 19.80 -24.82
CA ARG A 2 -20.49 18.74 -23.79
C ARG A 2 -19.20 18.78 -22.98
N PRO A 3 -19.21 18.24 -21.75
CA PRO A 3 -17.91 18.17 -21.10
C PRO A 3 -17.11 16.98 -21.62
N TYR A 4 -15.81 16.94 -21.34
CA TYR A 4 -15.05 15.74 -21.56
C TYR A 4 -15.41 14.75 -20.46
N TYR A 5 -15.55 13.49 -20.83
CA TYR A 5 -15.86 12.43 -19.87
C TYR A 5 -14.63 11.59 -19.61
N ILE A 6 -14.17 11.60 -18.36
CA ILE A 6 -12.96 10.88 -17.98
C ILE A 6 -13.32 9.82 -16.96
N ALA A 7 -12.88 8.60 -17.21
CA ALA A 7 -13.00 7.53 -16.22
C ALA A 7 -11.66 7.36 -15.52
N ILE A 8 -11.70 7.22 -14.21
CA ILE A 8 -10.51 6.88 -13.43
C ILE A 8 -10.74 5.53 -12.79
N VAL A 9 -9.80 4.61 -12.98
CA VAL A 9 -9.92 3.25 -12.45
C VAL A 9 -9.05 3.09 -11.21
N GLY A 10 -9.70 2.92 -10.06
CA GLY A 10 -9.02 2.96 -8.77
C GLY A 10 -9.41 4.24 -8.06
N SER A 11 -9.30 4.24 -6.73
CA SER A 11 -9.72 5.39 -5.92
C SER A 11 -8.75 5.75 -4.79
N GLY A 12 -7.46 5.45 -4.99
CA GLY A 12 -6.44 5.80 -4.00
C GLY A 12 -5.94 7.22 -4.24
N PRO A 13 -4.82 7.59 -3.60
CA PRO A 13 -4.24 8.92 -3.73
C PRO A 13 -4.01 9.34 -5.19
N SER A 14 -3.38 8.48 -6.00
CA SER A 14 -3.09 8.93 -7.38
C SER A 14 -4.37 9.23 -8.18
N ALA A 15 -5.40 8.43 -7.96
CA ALA A 15 -6.72 8.64 -8.59
C ALA A 15 -7.34 9.95 -8.16
N PHE A 16 -7.33 10.22 -6.85
CA PHE A 16 -7.91 11.47 -6.36
C PHE A 16 -7.12 12.71 -6.74
N PHE A 17 -5.81 12.59 -6.80
CA PHE A 17 -4.96 13.71 -7.23
C PHE A 17 -5.23 14.01 -8.70
N ALA A 18 -5.35 12.96 -9.50
CA ALA A 18 -5.75 13.09 -10.92
C ALA A 18 -7.12 13.76 -11.07
N ALA A 19 -8.11 13.29 -10.31
CA ALA A 19 -9.45 13.88 -10.35
C ALA A 19 -9.41 15.38 -10.04
N ALA A 20 -8.66 15.75 -9.00
CA ALA A 20 -8.52 17.16 -8.63
C ALA A 20 -7.86 17.96 -9.75
N SER A 21 -6.85 17.38 -10.39
CA SER A 21 -6.13 18.04 -11.49
C SER A 21 -7.03 18.29 -12.68
N LEU A 22 -7.85 17.31 -13.03
CA LEU A 22 -8.83 17.46 -14.13
C LEU A 22 -9.87 18.56 -13.87
N LEU A 23 -10.44 18.56 -12.68
CA LEU A 23 -11.46 19.55 -12.34
C LEU A 23 -10.88 20.97 -12.24
N LYS A 24 -9.65 21.09 -11.74
CA LYS A 24 -8.97 22.40 -11.62
C LYS A 24 -8.67 22.99 -13.01
N ALA A 25 -8.29 22.12 -13.94
CA ALA A 25 -8.09 22.53 -15.33
C ALA A 25 -9.39 23.07 -15.94
N ALA A 26 -10.51 22.39 -15.71
CA ALA A 26 -11.81 22.88 -16.16
C ALA A 26 -12.12 24.23 -15.50
N ASP A 27 -11.90 24.31 -14.19
CA ASP A 27 -12.19 25.52 -13.40
C ASP A 27 -11.38 26.76 -13.82
N THR A 28 -10.21 26.53 -14.42
CA THR A 28 -9.31 27.65 -14.74
C THR A 28 -9.17 27.88 -16.25
N THR A 29 -9.94 27.13 -17.03
CA THR A 29 -9.84 27.17 -18.50
C THR A 29 -11.18 27.41 -19.21
N GLU A 30 -11.23 28.49 -20.00
CA GLU A 30 -12.38 28.77 -20.85
C GLU A 30 -12.57 27.65 -21.88
N ASP A 31 -13.84 27.33 -22.16
CA ASP A 31 -14.24 26.30 -23.12
C ASP A 31 -13.64 24.93 -22.82
N LEU A 32 -13.56 24.60 -21.54
CA LEU A 32 -13.08 23.30 -21.10
C LEU A 32 -13.90 22.88 -19.90
N ASP A 33 -14.61 21.76 -20.05
CA ASP A 33 -15.43 21.24 -18.98
C ASP A 33 -15.17 19.75 -18.81
N MET A 34 -15.33 19.29 -17.57
CA MET A 34 -14.95 17.93 -17.20
C MET A 34 -16.06 17.26 -16.42
N ALA A 35 -16.23 15.96 -16.68
CA ALA A 35 -17.03 15.06 -15.86
C ALA A 35 -16.18 13.86 -15.53
N VAL A 36 -16.04 13.53 -14.24
CA VAL A 36 -15.14 12.47 -13.80
C VAL A 36 -15.92 11.33 -13.14
N ASP A 37 -15.79 10.12 -13.69
CA ASP A 37 -16.33 8.90 -13.08
C ASP A 37 -15.20 8.02 -12.53
N MET A 38 -15.28 7.72 -11.24
CA MET A 38 -14.26 6.90 -10.59
C MET A 38 -14.79 5.50 -10.32
N LEU A 39 -14.11 4.50 -10.89
CA LEU A 39 -14.52 3.10 -10.79
C LEU A 39 -13.57 2.36 -9.84
N GLU A 40 -14.12 1.80 -8.76
CA GLU A 40 -13.31 1.21 -7.69
C GLU A 40 -13.72 -0.24 -7.42
N MET A 41 -12.70 -1.10 -7.31
CA MET A 41 -12.89 -2.53 -7.04
C MET A 41 -13.60 -2.83 -5.72
N LEU A 42 -13.25 -2.07 -4.69
CA LEU A 42 -13.88 -2.21 -3.38
C LEU A 42 -15.14 -1.35 -3.26
N PRO A 43 -16.01 -1.65 -2.28
CA PRO A 43 -17.12 -0.78 -1.94
C PRO A 43 -16.69 0.59 -1.42
N THR A 44 -15.45 0.67 -0.91
CA THR A 44 -14.98 1.87 -0.22
C THR A 44 -13.84 2.51 -1.04
N PRO A 45 -13.75 3.86 -1.01
CA PRO A 45 -12.63 4.56 -1.66
C PRO A 45 -11.38 4.68 -0.79
N TRP A 46 -10.36 5.30 -1.38
CA TRP A 46 -9.16 5.84 -0.72
C TRP A 46 -7.97 4.92 -0.82
N GLY A 47 -8.16 3.71 -1.36
CA GLY A 47 -7.04 2.79 -1.56
C GLY A 47 -6.22 2.55 -0.31
N LEU A 48 -4.90 2.69 -0.41
CA LEU A 48 -4.07 2.36 0.75
C LEU A 48 -4.17 3.37 1.89
N VAL A 49 -4.73 4.54 1.61
CA VAL A 49 -4.98 5.50 2.69
C VAL A 49 -5.93 4.85 3.71
N ARG A 50 -6.87 4.04 3.20
CA ARG A 50 -7.74 3.27 4.08
C ARG A 50 -7.13 1.95 4.48
N SER A 51 -6.65 1.17 3.50
CA SER A 51 -6.31 -0.24 3.74
C SER A 51 -4.83 -0.52 4.01
N GLY A 52 -3.99 0.51 3.86
CA GLY A 52 -2.54 0.34 3.96
C GLY A 52 -1.90 1.05 5.14
N VAL A 53 -2.03 2.38 5.16
CA VAL A 53 -1.50 3.19 6.26
C VAL A 53 -1.96 2.57 7.59
N ALA A 54 -1.04 2.51 8.56
CA ALA A 54 -1.30 1.77 9.80
C ALA A 54 -2.40 2.44 10.63
N PRO A 55 -3.15 1.64 11.41
CA PRO A 55 -4.25 2.14 12.23
C PRO A 55 -3.82 3.10 13.34
N ASP A 56 -2.54 3.04 13.73
CA ASP A 56 -1.98 4.03 14.67
C ASP A 56 -1.52 5.34 14.00
N GLN A 57 -1.94 5.56 12.76
CA GLN A 57 -1.56 6.77 12.01
C GLN A 57 -2.75 7.56 11.47
N PRO A 58 -3.70 7.93 12.35
CA PRO A 58 -4.90 8.62 11.89
C PRO A 58 -4.56 9.96 11.22
N LYS A 59 -3.56 10.69 11.72
CA LYS A 59 -3.24 11.98 11.12
C LYS A 59 -2.82 11.84 9.66
N ILE A 60 -1.95 10.89 9.35
CA ILE A 60 -1.56 10.78 7.95
C ILE A 60 -2.77 10.34 7.09
N LYS A 61 -3.65 9.52 7.67
CA LYS A 61 -4.89 9.10 6.98
C LYS A 61 -5.83 10.27 6.65
N SER A 62 -5.68 11.39 7.37
CA SER A 62 -6.59 12.54 7.25
C SER A 62 -6.46 13.33 5.92
N ILE A 63 -5.51 12.94 5.06
CA ILE A 63 -5.53 13.39 3.66
C ILE A 63 -6.85 12.99 3.00
N SER A 64 -7.54 12.01 3.58
CA SER A 64 -8.87 11.63 3.09
C SER A 64 -9.85 12.79 3.00
N LYS A 65 -9.69 13.79 3.90
CA LYS A 65 -10.51 15.01 3.85
C LYS A 65 -10.42 15.74 2.49
N GLN A 66 -9.22 15.75 1.90
CA GLN A 66 -8.99 16.33 0.57
C GLN A 66 -9.76 15.56 -0.48
N PHE A 67 -9.75 14.22 -0.36
CA PHE A 67 -10.44 13.37 -1.32
C PHE A 67 -11.95 13.60 -1.21
N GLU A 68 -12.43 13.74 0.02
CA GLU A 68 -13.83 14.07 0.28
C GLU A 68 -14.26 15.38 -0.38
N LYS A 69 -13.42 16.41 -0.26
CA LYS A 69 -13.69 17.72 -0.87
C LYS A 69 -13.83 17.59 -2.39
N THR A 70 -12.94 16.84 -3.01
CA THR A 70 -13.02 16.55 -4.44
C THR A 70 -14.32 15.83 -4.79
N ALA A 71 -14.67 14.82 -3.99
CA ALA A 71 -15.90 14.03 -4.25
C ALA A 71 -17.20 14.83 -4.06
N GLU A 72 -17.13 15.96 -3.37
CA GLU A 72 -18.29 16.85 -3.19
C GLU A 72 -18.69 17.56 -4.48
N ASP A 73 -17.79 17.58 -5.46
CA ASP A 73 -18.03 18.26 -6.72
C ASP A 73 -19.14 17.54 -7.51
N PRO A 74 -20.17 18.28 -7.98
CA PRO A 74 -21.26 17.66 -8.73
C PRO A 74 -20.80 16.95 -10.01
N ARG A 75 -19.61 17.29 -10.49
CA ARG A 75 -19.06 16.69 -11.71
C ARG A 75 -18.39 15.34 -11.45
N PHE A 76 -18.26 14.98 -10.17
CA PHE A 76 -17.59 13.76 -9.73
C PHE A 76 -18.58 12.67 -9.32
N ARG A 77 -18.35 11.45 -9.82
CA ARG A 77 -19.14 10.29 -9.41
C ARG A 77 -18.25 9.12 -9.00
N PHE A 78 -18.70 8.34 -8.03
CA PHE A 78 -17.99 7.13 -7.57
C PHE A 78 -18.84 5.90 -7.87
N PHE A 79 -18.20 4.86 -8.40
CA PHE A 79 -18.83 3.53 -8.58
C PHE A 79 -17.93 2.46 -8.01
N GLY A 80 -18.23 2.03 -6.79
CA GLY A 80 -17.46 1.01 -6.11
C GLY A 80 -18.01 -0.38 -6.39
N ASN A 81 -17.25 -1.40 -5.98
CA ASN A 81 -17.57 -2.80 -6.26
C ASN A 81 -17.62 -3.07 -7.76
N VAL A 82 -16.85 -2.30 -8.53
CA VAL A 82 -16.71 -2.50 -9.98
C VAL A 82 -15.25 -2.87 -10.25
N VAL A 83 -15.05 -4.10 -10.73
CA VAL A 83 -13.71 -4.63 -10.99
C VAL A 83 -13.43 -4.53 -12.48
N VAL A 84 -12.53 -3.62 -12.83
CA VAL A 84 -12.18 -3.43 -14.23
C VAL A 84 -11.29 -4.61 -14.64
N GLY A 85 -11.67 -5.26 -15.73
CA GLY A 85 -11.07 -6.53 -16.12
C GLY A 85 -12.04 -7.67 -15.88
N GLU A 86 -13.05 -7.42 -15.05
CA GLU A 86 -14.10 -8.41 -14.78
C GLU A 86 -15.49 -7.93 -15.20
N HIS A 87 -16.01 -6.89 -14.54
CA HIS A 87 -17.37 -6.41 -14.85
C HIS A 87 -17.42 -5.61 -16.14
N VAL A 88 -16.37 -4.80 -16.34
CA VAL A 88 -16.15 -4.04 -17.57
C VAL A 88 -14.70 -4.21 -18.00
N GLN A 89 -14.47 -4.08 -19.29
CA GLN A 89 -13.14 -4.25 -19.86
C GLN A 89 -12.58 -2.89 -20.27
N PRO A 90 -11.24 -2.73 -20.21
CA PRO A 90 -10.59 -1.52 -20.72
C PRO A 90 -11.09 -1.05 -22.11
N GLY A 91 -11.22 -1.96 -23.06
CA GLY A 91 -11.70 -1.59 -24.41
C GLY A 91 -13.08 -0.93 -24.39
N GLU A 92 -13.93 -1.39 -23.48
CA GLU A 92 -15.30 -0.87 -23.35
C GLU A 92 -15.29 0.53 -22.77
N LEU A 93 -14.40 0.74 -21.80
CA LEU A 93 -14.22 2.06 -21.20
C LEU A 93 -13.62 3.08 -22.16
N SER A 94 -12.62 2.66 -22.95
CA SER A 94 -11.97 3.58 -23.89
C SER A 94 -12.91 4.07 -25.00
N GLU A 95 -14.01 3.36 -25.22
CA GLU A 95 -15.01 3.73 -26.20
C GLU A 95 -16.11 4.63 -25.61
N ARG A 96 -16.38 4.46 -24.32
CA ARG A 96 -17.44 5.23 -23.65
C ARG A 96 -16.95 6.50 -22.96
N TYR A 97 -15.64 6.70 -22.93
CA TYR A 97 -15.07 7.88 -22.31
C TYR A 97 -14.06 8.51 -23.26
N ASP A 98 -13.84 9.81 -23.11
CA ASP A 98 -12.81 10.51 -23.90
C ASP A 98 -11.42 10.03 -23.53
N ALA A 99 -11.20 9.80 -22.25
CA ALA A 99 -9.92 9.26 -21.77
C ALA A 99 -10.17 8.43 -20.52
N VAL A 100 -9.28 7.48 -20.26
CA VAL A 100 -9.37 6.61 -19.08
C VAL A 100 -8.00 6.64 -18.38
N ILE A 101 -8.00 6.85 -17.08
CA ILE A 101 -6.78 6.84 -16.27
C ILE A 101 -6.78 5.62 -15.34
N TYR A 102 -5.75 4.79 -15.47
CA TYR A 102 -5.55 3.63 -14.60
C TYR A 102 -4.71 3.97 -13.39
N ALA A 103 -5.29 3.80 -12.21
CA ALA A 103 -4.65 4.18 -10.95
C ALA A 103 -4.85 3.01 -9.98
N VAL A 104 -4.50 1.82 -10.46
CA VAL A 104 -4.84 0.57 -9.79
C VAL A 104 -3.85 0.17 -8.70
N GLY A 105 -2.75 0.89 -8.59
CA GLY A 105 -1.72 0.58 -7.59
C GLY A 105 -1.05 -0.76 -7.79
N ALA A 106 -0.59 -1.33 -6.67
CA ALA A 106 0.14 -2.59 -6.62
C ALA A 106 -0.60 -3.54 -5.71
N GLN A 107 -1.35 -4.46 -6.30
CA GLN A 107 -2.31 -5.30 -5.56
C GLN A 107 -1.80 -6.62 -5.01
N SER A 108 -0.62 -7.06 -5.47
CA SER A 108 -0.04 -8.31 -5.00
C SER A 108 1.31 -8.07 -4.29
N ASP A 109 2.03 -9.16 -4.00
CA ASP A 109 3.28 -9.07 -3.23
C ASP A 109 4.47 -9.59 -4.03
N ARG A 110 5.67 -9.06 -3.74
CA ARG A 110 6.90 -9.69 -4.20
C ARG A 110 7.21 -10.93 -3.34
N MET A 111 7.68 -11.99 -3.98
CA MET A 111 8.06 -13.22 -3.27
C MET A 111 9.57 -13.30 -3.00
N LEU A 112 9.94 -14.13 -2.04
CA LEU A 112 11.34 -14.36 -1.71
C LEU A 112 11.97 -15.39 -2.64
N ASN A 113 11.13 -16.29 -3.16
CA ASN A 113 11.61 -17.42 -3.99
C ASN A 113 12.60 -18.31 -3.24
N ILE A 114 12.18 -18.80 -2.07
CA ILE A 114 12.99 -19.70 -1.26
C ILE A 114 12.12 -20.89 -0.87
N PRO A 115 12.75 -22.05 -0.57
CA PRO A 115 11.93 -23.20 -0.13
C PRO A 115 11.12 -22.91 1.13
N GLY A 116 9.90 -23.42 1.19
CA GLY A 116 9.08 -23.35 2.39
C GLY A 116 8.27 -22.07 2.51
N GLU A 117 8.39 -21.19 1.50
CA GLU A 117 7.78 -19.87 1.51
C GLU A 117 6.26 -19.88 1.61
N ASP A 118 5.64 -20.94 1.11
CA ASP A 118 4.19 -21.00 1.18
C ASP A 118 3.64 -21.93 2.26
N LEU A 119 4.48 -22.30 3.22
CA LEU A 119 3.99 -22.94 4.43
C LEU A 119 3.01 -22.04 5.19
N PRO A 120 1.92 -22.61 5.73
CA PRO A 120 1.04 -21.85 6.62
C PRO A 120 1.89 -21.17 7.69
N GLY A 121 1.66 -19.88 7.91
CA GLY A 121 2.50 -19.13 8.86
C GLY A 121 3.53 -18.25 8.18
N SER A 122 3.72 -18.47 6.87
CA SER A 122 4.57 -17.60 6.02
C SER A 122 3.72 -16.84 5.01
N ILE A 123 3.65 -15.51 5.22
CA ILE A 123 2.78 -14.65 4.45
C ILE A 123 3.52 -13.39 4.02
N ALA A 124 2.90 -12.62 3.12
CA ALA A 124 3.40 -11.31 2.73
C ALA A 124 2.85 -10.23 3.65
N ALA A 125 3.59 -9.13 3.78
CA ALA A 125 3.05 -7.91 4.40
C ALA A 125 1.76 -7.46 3.72
N VAL A 126 1.68 -7.58 2.39
CA VAL A 126 0.42 -7.27 1.68
C VAL A 126 -0.77 -7.94 2.37
N ASP A 127 -0.68 -9.25 2.59
CA ASP A 127 -1.75 -10.01 3.22
C ASP A 127 -1.93 -9.63 4.68
N PHE A 128 -0.81 -9.43 5.39
CA PHE A 128 -0.89 -9.15 6.82
C PHE A 128 -1.48 -7.77 7.12
N VAL A 129 -0.99 -6.76 6.40
CA VAL A 129 -1.53 -5.39 6.47
C VAL A 129 -3.00 -5.34 6.03
N GLY A 130 -3.32 -5.99 4.91
CA GLY A 130 -4.72 -6.04 4.46
C GLY A 130 -5.62 -6.65 5.54
N TRP A 131 -5.15 -7.72 6.17
CA TRP A 131 -5.90 -8.38 7.21
C TRP A 131 -6.11 -7.46 8.42
N TYR A 132 -5.03 -6.85 8.91
CA TYR A 132 -5.21 -5.97 10.09
C TYR A 132 -5.95 -4.66 9.80
N ASN A 133 -6.00 -4.25 8.54
CA ASN A 133 -6.76 -3.04 8.18
C ASN A 133 -8.15 -3.35 7.59
N ALA A 134 -8.57 -4.61 7.69
CA ALA A 134 -9.95 -5.01 7.32
C ALA A 134 -10.25 -4.86 5.82
N HIS A 135 -9.23 -5.03 4.99
CA HIS A 135 -9.41 -5.11 3.53
C HIS A 135 -10.19 -6.40 3.30
N PRO A 136 -11.34 -6.31 2.60
CA PRO A 136 -12.14 -7.51 2.47
C PRO A 136 -11.50 -8.69 1.71
N HIS A 137 -10.49 -8.44 0.88
CA HIS A 137 -9.84 -9.57 0.18
C HIS A 137 -8.90 -10.36 1.10
N PHE A 138 -8.67 -9.85 2.31
CA PHE A 138 -7.73 -10.46 3.23
C PHE A 138 -8.35 -10.85 4.57
N GLU A 139 -9.68 -10.93 4.60
CA GLU A 139 -10.36 -11.24 5.86
C GLU A 139 -9.96 -12.61 6.43
N GLN A 140 -9.71 -13.57 5.55
CA GLN A 140 -9.43 -14.95 5.96
C GLN A 140 -7.95 -15.28 6.15
N VAL A 141 -7.09 -14.26 6.13
CA VAL A 141 -5.65 -14.49 6.30
C VAL A 141 -5.41 -15.11 7.68
N SER A 142 -6.04 -14.53 8.69
CA SER A 142 -6.16 -15.13 10.02
C SER A 142 -4.89 -15.83 10.50
N PRO A 143 -3.81 -15.07 10.68
CA PRO A 143 -2.56 -15.70 11.07
C PRO A 143 -2.60 -16.14 12.54
N ASP A 144 -1.89 -17.22 12.87
CA ASP A 144 -1.77 -17.62 14.25
C ASP A 144 -0.75 -16.69 14.88
N LEU A 145 -1.20 -15.92 15.87
CA LEU A 145 -0.32 -14.96 16.56
C LEU A 145 0.03 -15.37 18.01
N SER A 146 -0.07 -16.68 18.30
CA SER A 146 0.14 -17.19 19.66
C SER A 146 1.60 -17.57 19.93
N GLY A 147 2.40 -17.73 18.88
CA GLY A 147 3.80 -18.21 19.03
C GLY A 147 4.73 -17.08 19.46
N ALA A 148 5.82 -17.43 20.17
CA ALA A 148 6.68 -16.41 20.78
C ALA A 148 7.48 -15.53 19.81
N ARG A 149 7.82 -16.06 18.64
CA ARG A 149 8.68 -15.30 17.71
C ARG A 149 8.09 -15.12 16.31
N ALA A 150 8.14 -13.88 15.85
CA ALA A 150 7.81 -13.55 14.47
C ALA A 150 9.05 -13.00 13.79
N VAL A 151 9.17 -13.28 12.50
CA VAL A 151 10.28 -12.79 11.72
C VAL A 151 9.72 -11.98 10.56
N VAL A 152 10.22 -10.77 10.38
CA VAL A 152 9.83 -9.89 9.29
C VAL A 152 11.02 -9.70 8.35
N ILE A 153 10.81 -10.00 7.06
CA ILE A 153 11.88 -9.84 6.08
C ILE A 153 11.77 -8.50 5.40
N GLY A 154 12.86 -7.74 5.37
CA GLY A 154 12.89 -6.45 4.64
C GLY A 154 13.23 -5.26 5.52
N ASN A 155 13.74 -4.20 4.89
CA ASN A 155 14.18 -2.99 5.58
C ASN A 155 13.50 -1.73 5.00
N GLY A 156 12.23 -1.86 4.66
CA GLY A 156 11.43 -0.72 4.23
C GLY A 156 10.49 -0.29 5.35
N ASN A 157 9.79 0.82 5.14
CA ASN A 157 8.86 1.32 6.19
C ASN A 157 7.68 0.38 6.45
N VAL A 158 7.33 -0.45 5.48
CA VAL A 158 6.20 -1.39 5.71
C VAL A 158 6.64 -2.45 6.72
N ALA A 159 7.92 -2.79 6.69
CA ALA A 159 8.46 -3.78 7.63
C ALA A 159 8.29 -3.24 9.05
N LEU A 160 8.51 -1.95 9.22
CA LEU A 160 8.34 -1.32 10.54
C LEU A 160 6.89 -1.30 10.99
N ASP A 161 5.97 -1.04 10.05
CA ASP A 161 4.54 -1.11 10.36
C ASP A 161 4.17 -2.49 10.91
N VAL A 162 4.61 -3.55 10.22
CA VAL A 162 4.30 -4.91 10.64
C VAL A 162 4.83 -5.18 12.06
N ALA A 163 6.09 -4.80 12.30
CA ALA A 163 6.71 -5.03 13.60
C ALA A 163 5.98 -4.25 14.68
N ARG A 164 5.68 -2.98 14.38
CA ARG A 164 5.08 -2.07 15.36
C ARG A 164 3.68 -2.53 15.78
N ILE A 165 2.87 -2.95 14.81
CA ILE A 165 1.52 -3.45 15.09
C ILE A 165 1.52 -4.77 15.89
N LEU A 166 2.45 -5.68 15.59
CA LEU A 166 2.62 -6.91 16.38
C LEU A 166 3.00 -6.67 17.84
N LEU A 167 3.64 -5.53 18.13
CA LEU A 167 4.19 -5.30 19.48
C LEU A 167 3.56 -4.14 20.25
N THR A 168 2.64 -3.42 19.60
CA THR A 168 1.95 -2.29 20.23
C THR A 168 1.00 -2.81 21.31
N ASP A 169 1.00 -2.14 22.45
CA ASP A 169 0.03 -2.41 23.52
C ASP A 169 -1.37 -2.50 22.93
N PRO A 170 -2.03 -3.67 23.03
CA PRO A 170 -3.39 -3.74 22.47
C PRO A 170 -4.40 -2.73 23.05
N ASP A 171 -4.18 -2.25 24.26
CA ASP A 171 -5.04 -1.17 24.80
C ASP A 171 -5.00 0.07 23.91
N VAL A 172 -3.82 0.36 23.35
CA VAL A 172 -3.60 1.45 22.42
C VAL A 172 -4.34 1.17 21.11
N LEU A 173 -4.19 -0.06 20.59
CA LEU A 173 -4.84 -0.44 19.35
C LEU A 173 -6.35 -0.43 19.44
N ALA A 174 -6.88 -0.69 20.65
CA ALA A 174 -8.33 -0.69 20.88
C ALA A 174 -8.97 0.68 20.62
N ARG A 175 -8.16 1.74 20.59
CA ARG A 175 -8.69 3.08 20.31
C ARG A 175 -8.54 3.48 18.84
N THR A 176 -8.11 2.52 18.01
CA THR A 176 -7.87 2.77 16.58
C THR A 176 -8.91 2.09 15.68
N ASP A 177 -8.83 2.37 14.38
CA ASP A 177 -9.71 1.72 13.42
C ASP A 177 -9.20 0.36 12.93
N ILE A 178 -8.28 -0.24 13.69
CA ILE A 178 -7.81 -1.60 13.39
C ILE A 178 -9.00 -2.57 13.30
N ALA A 179 -8.87 -3.58 12.43
CA ALA A 179 -9.91 -4.60 12.30
C ALA A 179 -10.16 -5.31 13.63
N ASP A 180 -11.43 -5.47 13.98
CA ASP A 180 -11.80 -6.20 15.21
C ASP A 180 -11.15 -7.58 15.23
N HIS A 181 -11.14 -8.28 14.08
CA HIS A 181 -10.53 -9.62 14.04
C HIS A 181 -9.05 -9.62 14.41
N ALA A 182 -8.35 -8.53 14.04
CA ALA A 182 -6.94 -8.44 14.38
C ALA A 182 -6.75 -8.09 15.85
N LEU A 183 -7.56 -7.16 16.36
CA LEU A 183 -7.49 -6.81 17.78
C LEU A 183 -7.71 -8.05 18.65
N GLU A 184 -8.65 -8.91 18.24
CA GLU A 184 -8.89 -10.14 18.98
C GLU A 184 -7.63 -11.02 19.05
N SER A 185 -6.92 -11.17 17.92
CA SER A 185 -5.73 -12.02 17.86
C SER A 185 -4.53 -11.43 18.57
N LEU A 186 -4.50 -10.10 18.66
CA LEU A 186 -3.37 -9.39 19.26
C LEU A 186 -3.51 -9.23 20.77
N ARG A 187 -4.74 -9.25 21.28
CA ARG A 187 -4.98 -8.98 22.71
C ARG A 187 -4.17 -9.86 23.70
N PRO A 188 -4.03 -11.17 23.43
CA PRO A 188 -3.24 -12.04 24.31
C PRO A 188 -1.71 -11.83 24.29
N ARG A 189 -1.22 -10.95 23.43
CA ARG A 189 0.21 -10.57 23.39
C ARG A 189 1.13 -11.77 23.22
N GLY A 190 0.79 -12.66 22.29
CA GLY A 190 1.50 -13.92 22.10
C GLY A 190 2.94 -13.72 21.66
N ILE A 191 3.14 -12.81 20.70
CA ILE A 191 4.48 -12.57 20.17
C ILE A 191 5.33 -11.85 21.21
N GLN A 192 6.46 -12.47 21.55
CA GLN A 192 7.38 -11.91 22.53
C GLN A 192 8.56 -11.23 21.84
N GLU A 193 8.91 -11.71 20.64
CA GLU A 193 10.00 -11.11 19.89
C GLU A 193 9.69 -11.00 18.41
N VAL A 194 9.98 -9.84 17.82
CA VAL A 194 9.94 -9.71 16.37
C VAL A 194 11.36 -9.44 15.89
N VAL A 195 11.81 -10.23 14.93
CA VAL A 195 13.11 -10.06 14.32
C VAL A 195 12.98 -9.48 12.90
N ILE A 196 13.53 -8.29 12.68
CA ILE A 196 13.49 -7.66 11.38
C ILE A 196 14.83 -7.95 10.70
N VAL A 197 14.74 -8.57 9.53
CA VAL A 197 15.89 -9.13 8.86
C VAL A 197 16.17 -8.39 7.54
N GLY A 198 17.26 -7.64 7.49
CA GLY A 198 17.63 -6.91 6.26
C GLY A 198 18.80 -7.54 5.55
N ARG A 199 18.69 -7.71 4.22
CA ARG A 199 19.76 -8.38 3.47
C ARG A 199 21.02 -7.56 3.29
N ARG A 200 20.88 -6.24 3.17
CA ARG A 200 22.06 -5.39 3.06
C ARG A 200 22.30 -4.76 4.43
N GLY A 201 23.10 -3.71 4.49
CA GLY A 201 23.46 -3.13 5.79
C GLY A 201 22.59 -1.94 6.18
N PRO A 202 22.86 -1.37 7.35
CA PRO A 202 22.12 -0.20 7.82
C PRO A 202 22.16 0.99 6.87
N LEU A 203 23.32 1.19 6.21
CA LEU A 203 23.49 2.29 5.25
C LEU A 203 22.57 2.14 4.03
N GLN A 204 22.15 0.90 3.76
CA GLN A 204 21.30 0.61 2.61
C GLN A 204 19.80 0.53 2.94
N ALA A 205 19.46 0.75 4.21
CA ALA A 205 18.07 0.60 4.64
C ALA A 205 17.14 1.56 3.91
N ALA A 206 15.93 1.09 3.62
CA ALA A 206 14.95 1.91 2.94
C ALA A 206 14.03 2.61 3.94
N PHE A 207 14.22 2.35 5.23
CA PHE A 207 13.46 3.02 6.29
C PHE A 207 13.66 4.54 6.19
N THR A 208 12.68 5.30 6.67
CA THR A 208 12.90 6.74 6.88
C THR A 208 12.90 7.10 8.37
N THR A 209 13.36 8.31 8.69
CA THR A 209 13.81 8.59 10.05
C THR A 209 12.73 8.65 11.10
N LEU A 210 11.64 9.34 10.81
CA LEU A 210 10.58 9.49 11.82
C LEU A 210 10.05 8.10 12.16
N GLU A 211 9.91 7.28 11.13
CA GLU A 211 9.40 5.92 11.27
C GLU A 211 10.26 5.03 12.20
N LEU A 212 11.59 5.18 12.11
CA LEU A 212 12.51 4.54 13.04
C LEU A 212 12.39 5.11 14.45
N ARG A 213 12.32 6.45 14.54
CA ARG A 213 12.19 7.16 15.83
C ARG A 213 10.97 6.76 16.62
N GLU A 214 9.85 6.53 15.91
CA GLU A 214 8.57 6.21 16.56
C GLU A 214 8.57 4.87 17.32
N LEU A 215 9.54 3.99 17.01
CA LEU A 215 9.65 2.70 17.69
C LEU A 215 9.95 2.87 19.19
N ALA A 216 10.53 4.01 19.55
CA ALA A 216 10.86 4.34 20.94
C ALA A 216 9.60 4.54 21.78
N ASP A 217 8.49 4.84 21.10
CA ASP A 217 7.23 5.16 21.79
C ASP A 217 6.45 3.90 22.14
N LEU A 218 6.94 2.74 21.74
CA LEU A 218 6.33 1.48 22.14
C LEU A 218 6.60 1.20 23.61
N ASP A 219 5.63 1.44 24.47
CA ASP A 219 5.84 1.32 25.92
C ASP A 219 6.24 -0.11 26.32
N GLY A 220 7.42 -0.25 26.92
CA GLY A 220 7.85 -1.53 27.46
C GLY A 220 8.54 -2.47 26.49
N VAL A 221 8.53 -2.12 25.20
CA VAL A 221 9.17 -2.93 24.16
C VAL A 221 10.62 -2.48 23.99
N ASP A 222 11.56 -3.41 24.10
CA ASP A 222 12.96 -3.07 23.89
C ASP A 222 13.29 -3.20 22.41
N VAL A 223 13.85 -2.14 21.81
CA VAL A 223 14.44 -2.26 20.46
C VAL A 223 15.89 -2.73 20.65
N VAL A 224 16.20 -3.89 20.08
CA VAL A 224 17.50 -4.54 20.25
C VAL A 224 18.31 -4.50 18.96
N ILE A 225 19.51 -3.95 19.04
CA ILE A 225 20.46 -3.99 17.94
C ILE A 225 21.84 -4.28 18.52
N ASP A 226 22.43 -5.42 18.14
CA ASP A 226 23.80 -5.75 18.55
C ASP A 226 24.72 -4.63 18.05
N PRO A 227 25.50 -4.00 18.96
CA PRO A 227 26.40 -2.92 18.48
C PRO A 227 27.31 -3.33 17.31
N ALA A 228 27.61 -4.63 17.19
CA ALA A 228 28.41 -5.14 16.08
C ALA A 228 27.76 -4.94 14.70
N GLU A 229 26.45 -4.71 14.66
CA GLU A 229 25.74 -4.43 13.39
C GLU A 229 26.17 -3.06 12.85
N LEU A 230 26.62 -2.18 13.75
CA LEU A 230 26.91 -0.79 13.39
C LEU A 230 28.40 -0.43 13.47
N ASP A 231 29.22 -1.34 14.00
CA ASP A 231 30.65 -1.05 14.19
C ASP A 231 31.35 -0.83 12.84
N GLY A 232 32.13 0.24 12.77
CA GLY A 232 32.85 0.54 11.53
C GLY A 232 32.08 1.40 10.55
N ILE A 233 30.78 1.54 10.75
CA ILE A 233 30.00 2.52 9.98
C ILE A 233 30.25 3.88 10.60
N THR A 234 30.88 4.79 9.84
CA THR A 234 31.18 6.13 10.35
C THR A 234 30.10 7.15 9.99
N ASP A 235 30.15 8.30 10.67
CA ASP A 235 29.36 9.47 10.32
C ASP A 235 29.59 9.86 8.87
N GLU A 236 30.84 9.75 8.42
CA GLU A 236 31.21 10.05 7.04
C GLU A 236 30.56 9.10 6.04
N ASP A 237 30.57 7.80 6.35
CA ASP A 237 29.94 6.78 5.51
C ASP A 237 28.45 7.08 5.31
N ALA A 238 27.76 7.35 6.41
CA ALA A 238 26.34 7.70 6.41
C ALA A 238 26.06 8.97 5.62
N ALA A 239 26.77 10.06 5.95
CA ALA A 239 26.63 11.33 5.24
C ALA A 239 26.80 11.19 3.73
N ALA A 240 27.67 10.28 3.30
CA ALA A 240 27.93 10.03 1.86
C ALA A 240 26.75 9.39 1.12
N VAL A 241 25.89 8.68 1.85
CA VAL A 241 24.64 8.18 1.28
C VAL A 241 23.63 9.33 1.15
N GLY A 242 23.43 10.07 2.23
CA GLY A 242 22.50 11.19 2.23
C GLY A 242 22.07 11.59 3.63
N LYS A 243 21.28 12.66 3.71
CA LYS A 243 20.80 13.21 4.99
C LYS A 243 19.95 12.22 5.76
N VAL A 244 19.05 11.54 5.05
CA VAL A 244 18.13 10.60 5.70
C VAL A 244 18.92 9.47 6.35
N CYS A 245 19.84 8.90 5.57
CA CYS A 245 20.72 7.86 6.08
C CYS A 245 21.55 8.32 7.29
N LYS A 246 22.12 9.52 7.25
CA LYS A 246 22.88 10.00 8.43
C LYS A 246 22.02 10.08 9.70
N GLN A 247 20.77 10.54 9.55
CA GLN A 247 19.84 10.56 10.68
C GLN A 247 19.42 9.15 11.13
N ASN A 248 19.13 8.28 10.17
CA ASN A 248 18.83 6.87 10.48
C ASN A 248 19.90 6.22 11.33
N ILE A 249 21.16 6.36 10.91
CA ILE A 249 22.27 5.72 11.58
C ILE A 249 22.33 6.19 13.03
N LYS A 250 22.19 7.50 13.23
CA LYS A 250 22.13 8.06 14.58
C LYS A 250 21.06 7.38 15.44
N VAL A 251 19.87 7.24 14.89
CA VAL A 251 18.75 6.64 15.63
C VAL A 251 19.02 5.17 15.93
N LEU A 252 19.57 4.44 14.96
CA LEU A 252 19.93 3.04 15.18
C LEU A 252 21.02 2.90 16.28
N ARG A 253 22.06 3.71 16.22
CA ARG A 253 23.05 3.72 17.30
C ARG A 253 22.43 3.94 18.67
N GLY A 254 21.43 4.82 18.72
CA GLY A 254 20.72 5.15 19.97
C GLY A 254 20.04 3.93 20.54
N TYR A 255 19.46 3.10 19.66
CA TYR A 255 18.85 1.85 20.11
C TYR A 255 19.90 0.84 20.57
N ALA A 256 20.96 0.66 19.77
CA ALA A 256 22.08 -0.22 20.08
C ALA A 256 22.72 0.10 21.44
N ASP A 257 22.70 1.37 21.80
CA ASP A 257 23.35 1.82 23.02
C ASP A 257 22.64 1.39 24.32
N ARG A 258 21.46 0.80 24.19
CA ARG A 258 20.67 0.42 25.38
C ARG A 258 20.57 -1.10 25.46
N GLU A 259 20.94 -1.67 26.62
CA GLU A 259 20.86 -3.12 26.86
C GLU A 259 19.41 -3.56 27.04
N PRO A 260 19.01 -4.68 26.42
CA PRO A 260 17.62 -5.13 26.61
C PRO A 260 17.39 -5.66 28.01
N ARG A 261 16.13 -5.69 28.42
CA ARG A 261 15.73 -6.13 29.76
C ARG A 261 15.07 -7.51 29.70
N PRO A 262 15.54 -8.46 30.53
CA PRO A 262 14.93 -9.80 30.56
C PRO A 262 13.42 -9.73 30.80
N GLY A 263 12.66 -10.51 30.03
CA GLY A 263 11.21 -10.55 30.17
C GLY A 263 10.44 -9.50 29.39
N HIS A 264 11.13 -8.52 28.81
CA HIS A 264 10.44 -7.53 28.01
C HIS A 264 10.25 -8.04 26.59
N ARG A 265 9.14 -7.62 25.95
CA ARG A 265 8.94 -7.82 24.51
C ARG A 265 10.04 -7.08 23.76
N ARG A 266 10.47 -7.64 22.62
CA ARG A 266 11.65 -7.15 21.91
C ARG A 266 11.39 -7.04 20.42
N MET A 267 11.94 -5.97 19.84
CA MET A 267 12.06 -5.85 18.39
C MET A 267 13.55 -5.88 18.08
N VAL A 268 14.00 -6.85 17.28
CA VAL A 268 15.43 -7.03 17.03
C VAL A 268 15.71 -6.74 15.57
N PHE A 269 16.69 -5.88 15.32
CA PHE A 269 17.17 -5.62 13.96
C PHE A 269 18.41 -6.47 13.65
N ARG A 270 18.33 -7.23 12.58
CA ARG A 270 19.47 -7.99 12.06
C ARG A 270 19.76 -7.49 10.65
N PHE A 271 21.01 -7.12 10.38
CA PHE A 271 21.41 -6.70 9.03
C PHE A 271 22.29 -7.75 8.35
N LEU A 272 22.62 -7.53 7.07
CA LEU A 272 23.43 -8.49 6.29
C LEU A 272 22.95 -9.91 6.47
N THR A 273 21.63 -10.08 6.46
CA THR A 273 21.03 -11.39 6.67
C THR A 273 19.90 -11.63 5.67
N SER A 274 19.86 -12.83 5.08
CA SER A 274 18.81 -13.22 4.11
C SER A 274 18.10 -14.49 4.58
N PRO A 275 16.78 -14.59 4.32
CA PRO A 275 16.15 -15.87 4.62
C PRO A 275 16.55 -16.85 3.54
N ILE A 276 16.93 -18.06 3.95
CA ILE A 276 17.43 -19.08 3.02
C ILE A 276 16.36 -20.14 2.77
N GLU A 277 15.70 -20.54 3.85
CA GLU A 277 14.72 -21.61 3.81
C GLU A 277 13.79 -21.51 5.02
N ILE A 278 12.49 -21.71 4.77
CA ILE A 278 11.51 -21.78 5.84
C ILE A 278 11.11 -23.24 6.05
N LYS A 279 11.14 -23.69 7.31
CA LYS A 279 11.02 -25.12 7.63
C LYS A 279 9.91 -25.40 8.62
N GLY A 280 9.35 -26.61 8.53
CA GLY A 280 8.37 -27.07 9.48
C GLY A 280 7.68 -28.26 8.86
N LYS A 281 6.99 -29.06 9.67
CA LYS A 281 6.33 -30.27 9.15
C LYS A 281 5.10 -29.96 8.30
N ARG A 282 4.20 -29.14 8.84
CA ARG A 282 3.00 -28.71 8.12
C ARG A 282 2.77 -27.20 8.20
N LYS A 283 3.54 -26.51 9.04
CA LYS A 283 3.47 -25.06 9.18
C LYS A 283 4.84 -24.53 9.58
N VAL A 284 5.00 -23.20 9.58
CA VAL A 284 6.28 -22.59 9.92
C VAL A 284 6.69 -22.99 11.34
N GLU A 285 7.90 -23.52 11.50
CA GLU A 285 8.46 -23.87 12.82
C GLU A 285 9.82 -23.22 13.04
N ARG A 286 10.56 -23.01 11.97
CA ARG A 286 11.91 -22.43 12.07
C ARG A 286 12.30 -21.80 10.75
N ILE A 287 13.23 -20.86 10.80
CA ILE A 287 13.75 -20.28 9.58
C ILE A 287 15.27 -20.36 9.57
N VAL A 288 15.81 -20.67 8.40
CA VAL A 288 17.25 -20.66 8.18
C VAL A 288 17.65 -19.30 7.65
N LEU A 289 18.60 -18.67 8.33
CA LEU A 289 19.10 -17.38 7.94
C LEU A 289 20.53 -17.53 7.44
N GLY A 290 20.92 -16.72 6.47
CA GLY A 290 22.28 -16.75 5.93
C GLY A 290 22.90 -15.37 6.03
N ARG A 291 24.22 -15.32 6.13
CA ARG A 291 24.90 -14.03 6.27
C ARG A 291 25.40 -13.57 4.90
N ASN A 292 25.25 -12.28 4.65
CA ASN A 292 25.74 -11.66 3.43
C ASN A 292 26.93 -10.77 3.69
N GLU A 293 27.69 -10.51 2.63
CA GLU A 293 28.68 -9.44 2.64
C GLU A 293 28.31 -8.45 1.54
N LEU A 294 28.70 -7.19 1.69
CA LEU A 294 28.42 -6.19 0.65
C LEU A 294 29.52 -6.17 -0.40
N VAL A 295 29.12 -6.24 -1.67
CA VAL A 295 30.06 -6.30 -2.80
C VAL A 295 29.56 -5.39 -3.93
N SER A 296 30.48 -4.68 -4.56
CA SER A 296 30.13 -3.87 -5.73
C SER A 296 29.85 -4.80 -6.90
N ASP A 297 28.76 -4.55 -7.63
CA ASP A 297 28.52 -5.34 -8.83
C ASP A 297 28.72 -4.52 -10.10
N GLY A 298 29.21 -3.29 -9.92
CA GLY A 298 29.52 -2.39 -11.04
C GLY A 298 28.38 -1.46 -11.41
N SER A 299 27.24 -1.62 -10.74
CA SER A 299 26.02 -0.86 -11.06
C SER A 299 25.92 0.46 -10.31
N GLY A 300 26.85 0.69 -9.38
CA GLY A 300 26.77 1.88 -8.52
C GLY A 300 25.95 1.60 -7.27
N ARG A 301 25.42 0.38 -7.16
CA ARG A 301 24.85 -0.10 -5.93
C ARG A 301 25.89 -0.99 -5.26
N VAL A 302 25.68 -1.27 -3.97
CA VAL A 302 26.28 -2.45 -3.37
C VAL A 302 25.21 -3.53 -3.41
N ALA A 303 25.65 -4.75 -3.67
CA ALA A 303 24.79 -5.91 -3.66
C ALA A 303 25.10 -6.71 -2.41
N ALA A 304 24.10 -7.42 -1.89
CA ALA A 304 24.36 -8.47 -0.91
C ALA A 304 24.79 -9.76 -1.65
N LYS A 305 25.88 -10.36 -1.17
CA LYS A 305 26.35 -11.67 -1.66
C LYS A 305 26.37 -12.67 -0.51
N ASP A 306 25.77 -13.83 -0.72
CA ASP A 306 25.78 -14.90 0.30
C ASP A 306 27.21 -15.34 0.64
N THR A 307 27.52 -15.39 1.95
CA THR A 307 28.81 -15.93 2.39
C THR A 307 28.77 -17.45 2.61
N GLY A 308 27.57 -18.01 2.71
CA GLY A 308 27.39 -19.42 3.04
C GLY A 308 27.07 -19.68 4.50
N GLU A 309 27.44 -18.74 5.37
CA GLU A 309 27.17 -18.88 6.80
C GLU A 309 25.67 -19.04 7.05
N ARG A 310 25.33 -19.90 8.00
CA ARG A 310 23.94 -20.24 8.25
C ARG A 310 23.67 -20.35 9.75
N GLU A 311 22.46 -19.97 10.15
CA GLU A 311 21.96 -20.24 11.49
C GLU A 311 20.48 -20.60 11.38
N GLU A 312 19.95 -21.34 12.33
CA GLU A 312 18.52 -21.64 12.38
C GLU A 312 17.90 -21.01 13.60
N LEU A 313 16.71 -20.45 13.42
CA LEU A 313 16.02 -19.72 14.46
C LEU A 313 14.58 -20.23 14.50
N PRO A 314 14.12 -20.73 15.67
CA PRO A 314 12.68 -21.06 15.80
C PRO A 314 11.81 -19.83 15.56
N ALA A 315 10.74 -20.01 14.81
CA ALA A 315 9.84 -18.90 14.49
C ALA A 315 8.50 -19.49 14.11
N GLN A 316 7.42 -18.79 14.41
CA GLN A 316 6.07 -19.33 14.15
C GLN A 316 5.28 -18.50 13.15
N LEU A 317 5.82 -17.33 12.83
CA LEU A 317 5.23 -16.42 11.82
C LEU A 317 6.36 -15.79 11.06
N VAL A 318 6.25 -15.82 9.73
CA VAL A 318 7.22 -15.13 8.89
C VAL A 318 6.44 -14.23 7.96
N VAL A 319 6.73 -12.93 8.05
CA VAL A 319 6.10 -11.95 7.17
C VAL A 319 7.12 -11.35 6.20
N ARG A 320 6.96 -11.60 4.90
CA ARG A 320 7.84 -11.00 3.92
C ARG A 320 7.36 -9.59 3.56
N SER A 321 8.20 -8.62 3.90
CA SER A 321 7.88 -7.25 3.53
C SER A 321 8.94 -6.78 2.55
N VAL A 322 8.98 -7.45 1.40
CA VAL A 322 9.99 -7.17 0.38
C VAL A 322 9.44 -6.48 -0.86
N GLY A 323 8.31 -5.81 -0.69
CA GLY A 323 7.72 -4.95 -1.72
C GLY A 323 6.36 -5.44 -2.17
N TYR A 324 5.48 -4.49 -2.45
CA TYR A 324 4.23 -4.75 -3.17
C TYR A 324 4.54 -4.96 -4.66
N ARG A 325 3.54 -5.37 -5.42
CA ARG A 325 3.76 -5.70 -6.81
C ARG A 325 2.46 -5.53 -7.60
N GLY A 326 2.57 -4.90 -8.78
CA GLY A 326 1.40 -4.69 -9.64
C GLY A 326 0.95 -6.00 -10.25
N VAL A 327 -0.30 -6.02 -10.68
CA VAL A 327 -0.94 -7.22 -11.24
C VAL A 327 -1.44 -6.82 -12.63
N PRO A 328 -1.27 -7.68 -13.66
CA PRO A 328 -1.75 -7.31 -15.00
C PRO A 328 -3.25 -7.06 -15.03
N THR A 329 -3.67 -6.09 -15.84
CA THR A 329 -5.08 -5.83 -16.10
C THR A 329 -5.43 -6.40 -17.48
N PRO A 330 -6.47 -7.25 -17.57
CA PRO A 330 -6.85 -7.79 -18.88
C PRO A 330 -7.08 -6.64 -19.86
N GLY A 331 -6.56 -6.77 -21.08
CA GLY A 331 -6.75 -5.74 -22.11
C GLY A 331 -5.71 -4.63 -22.17
N LEU A 332 -4.84 -4.59 -21.16
CA LEU A 332 -3.76 -3.61 -21.15
C LEU A 332 -2.39 -4.29 -21.20
N PRO A 333 -1.38 -3.61 -21.77
CA PRO A 333 -0.02 -4.18 -21.74
C PRO A 333 0.54 -4.16 -20.31
N PHE A 334 1.63 -4.89 -20.10
CA PHE A 334 2.17 -5.04 -18.74
C PHE A 334 3.63 -5.46 -18.82
N ASP A 335 4.44 -4.96 -17.89
CA ASP A 335 5.84 -5.37 -17.76
C ASP A 335 5.93 -6.28 -16.54
N ASP A 336 6.06 -7.58 -16.79
CA ASP A 336 6.06 -8.58 -15.72
C ASP A 336 7.16 -8.33 -14.68
N GLN A 337 8.35 -8.02 -15.15
CA GLN A 337 9.48 -7.92 -14.25
C GLN A 337 9.29 -6.78 -13.24
N SER A 338 8.86 -5.62 -13.71
CA SER A 338 8.65 -4.46 -12.84
C SER A 338 7.26 -4.41 -12.19
N GLY A 339 6.29 -5.15 -12.76
CA GLY A 339 4.90 -5.09 -12.31
C GLY A 339 4.28 -3.72 -12.55
N THR A 340 4.64 -3.11 -13.67
CA THR A 340 4.11 -1.80 -14.08
C THR A 340 3.51 -1.86 -15.48
N ILE A 341 2.70 -0.86 -15.83
CA ILE A 341 2.16 -0.77 -17.20
C ILE A 341 3.07 0.15 -18.01
N PRO A 342 3.62 -0.34 -19.14
CA PRO A 342 4.53 0.54 -19.88
C PRO A 342 3.81 1.79 -20.38
N ASN A 343 4.51 2.92 -20.33
CA ASN A 343 3.90 4.19 -20.66
C ASN A 343 4.93 5.20 -21.14
N VAL A 344 4.44 6.16 -21.92
CA VAL A 344 5.26 7.27 -22.37
C VAL A 344 4.61 8.53 -21.80
N GLY A 345 5.26 9.13 -20.82
CA GLY A 345 4.77 10.33 -20.18
C GLY A 345 3.44 10.12 -19.46
N GLY A 346 3.16 8.88 -19.07
CA GLY A 346 1.90 8.57 -18.40
C GLY A 346 0.83 8.06 -19.35
N ARG A 347 1.06 8.18 -20.66
CA ARG A 347 0.16 7.58 -21.64
C ARG A 347 0.53 6.11 -21.90
N ILE A 348 -0.45 5.22 -21.79
CA ILE A 348 -0.20 3.79 -22.00
C ILE A 348 0.36 3.45 -23.39
N ASN A 349 1.39 2.62 -23.42
CA ASN A 349 1.98 2.22 -24.70
C ASN A 349 0.95 1.79 -25.72
N GLY A 350 1.02 2.38 -26.91
CA GLY A 350 0.14 2.01 -28.01
C GLY A 350 -1.28 2.51 -27.93
N SER A 351 -1.58 3.30 -26.91
CA SER A 351 -2.95 3.83 -26.71
C SER A 351 -3.05 5.34 -26.94
N PRO A 352 -4.09 5.80 -27.66
CA PRO A 352 -4.25 7.23 -27.81
C PRO A 352 -4.94 7.94 -26.63
N ASN A 353 -5.66 7.18 -25.81
CA ASN A 353 -6.48 7.81 -24.76
C ASN A 353 -6.52 7.10 -23.41
N GLU A 354 -5.58 6.18 -23.17
CA GLU A 354 -5.50 5.51 -21.85
C GLU A 354 -4.20 5.89 -21.18
N TYR A 355 -4.26 6.11 -19.87
CA TYR A 355 -3.17 6.68 -19.07
C TYR A 355 -2.99 5.91 -17.77
N VAL A 356 -1.83 6.13 -17.13
CA VAL A 356 -1.52 5.56 -15.82
C VAL A 356 -1.01 6.63 -14.88
N VAL A 357 -1.33 6.47 -13.59
CA VAL A 357 -0.81 7.30 -12.51
C VAL A 357 -0.51 6.41 -11.30
N GLY A 358 0.33 6.89 -10.40
CA GLY A 358 0.59 6.19 -9.15
C GLY A 358 1.50 4.99 -9.29
N TRP A 359 1.34 4.05 -8.38
CA TRP A 359 2.24 2.93 -8.24
C TRP A 359 2.19 1.96 -9.41
N ILE A 360 1.08 1.94 -10.15
CA ILE A 360 1.04 1.07 -11.33
C ILE A 360 1.92 1.64 -12.46
N LYS A 361 2.16 2.96 -12.42
CA LYS A 361 3.02 3.62 -13.39
C LYS A 361 4.48 3.61 -12.93
N ARG A 362 4.70 4.03 -11.69
CA ARG A 362 6.06 4.28 -11.18
C ARG A 362 6.70 3.08 -10.47
N GLY A 363 5.90 2.09 -10.10
CA GLY A 363 6.36 1.07 -9.17
C GLY A 363 6.03 1.50 -7.73
N PRO A 364 6.09 0.55 -6.78
CA PRO A 364 5.67 0.80 -5.40
C PRO A 364 6.66 1.62 -4.58
N THR A 365 6.83 2.89 -4.95
CA THR A 365 7.79 3.74 -4.26
C THR A 365 7.17 5.09 -3.92
N GLY A 366 7.55 5.63 -2.77
CA GLY A 366 7.17 6.99 -2.42
C GLY A 366 6.00 7.07 -1.46
N VAL A 367 5.97 8.20 -0.76
CA VAL A 367 4.90 8.52 0.16
C VAL A 367 3.65 8.97 -0.60
N ILE A 368 2.56 9.17 0.13
CA ILE A 368 1.31 9.59 -0.48
C ILE A 368 1.52 10.82 -1.39
N GLY A 369 2.24 11.81 -0.88
CA GLY A 369 2.44 13.07 -1.60
C GLY A 369 3.12 12.95 -2.95
N THR A 370 3.88 11.88 -3.16
CA THR A 370 4.61 11.67 -4.42
C THR A 370 3.68 11.46 -5.62
N ASN A 371 2.46 11.00 -5.33
CA ASN A 371 1.45 10.79 -6.35
C ASN A 371 0.85 12.06 -6.91
N LYS A 372 1.04 13.19 -6.23
CA LYS A 372 0.42 14.44 -6.64
C LYS A 372 1.03 15.00 -7.94
N LYS A 373 2.35 15.22 -7.96
CA LYS A 373 3.01 15.70 -9.18
C LYS A 373 2.90 14.70 -10.33
N ASP A 374 3.05 13.41 -9.98
CA ASP A 374 2.86 12.28 -10.91
C ASP A 374 1.53 12.43 -11.63
N ALA A 375 0.45 12.62 -10.87
CA ALA A 375 -0.89 12.70 -11.44
C ALA A 375 -1.01 13.98 -12.27
N GLN A 376 -0.46 15.07 -11.76
CA GLN A 376 -0.56 16.33 -12.48
C GLN A 376 0.08 16.21 -13.86
N ASP A 377 1.28 15.63 -13.89
CA ASP A 377 2.02 15.46 -15.14
C ASP A 377 1.24 14.64 -16.17
N THR A 378 0.61 13.56 -15.70
CA THR A 378 -0.17 12.69 -16.57
C THR A 378 -1.38 13.45 -17.10
N VAL A 379 -2.07 14.14 -16.20
CA VAL A 379 -3.26 14.92 -16.55
C VAL A 379 -2.92 16.01 -17.57
N ASP A 380 -1.82 16.74 -17.35
CA ASP A 380 -1.38 17.76 -18.33
C ASP A 380 -1.28 17.18 -19.74
N THR A 381 -0.66 16.01 -19.86
CA THR A 381 -0.53 15.28 -21.12
C THR A 381 -1.87 14.84 -21.70
N LEU A 382 -2.72 14.31 -20.83
CA LEU A 382 -4.05 13.86 -21.21
C LEU A 382 -4.83 15.01 -21.86
N ILE A 383 -4.85 16.15 -21.18
CA ILE A 383 -5.59 17.33 -21.63
C ILE A 383 -5.00 17.93 -22.92
N LYS A 384 -3.67 17.95 -23.01
CA LYS A 384 -2.98 18.32 -24.24
C LYS A 384 -3.50 17.47 -25.42
N ASN A 385 -3.49 16.16 -25.25
CA ASN A 385 -3.93 15.20 -26.29
C ASN A 385 -5.41 15.35 -26.68
N LEU A 386 -6.25 15.66 -25.70
CA LEU A 386 -7.65 15.93 -26.00
C LEU A 386 -7.78 17.21 -26.84
N GLY A 387 -7.00 18.22 -26.47
CA GLY A 387 -6.99 19.51 -27.15
C GLY A 387 -6.51 19.40 -28.60
N ASN A 388 -5.45 18.61 -28.80
CA ASN A 388 -4.93 18.32 -30.14
C ASN A 388 -5.97 17.62 -31.01
N ALA A 389 -6.77 16.76 -30.37
CA ALA A 389 -7.84 16.05 -31.08
C ALA A 389 -8.97 17.02 -31.44
N LYS A 390 -9.22 18.00 -30.57
CA LYS A 390 -10.26 19.00 -30.78
C LYS A 390 -9.90 19.98 -31.91
N GLU A 391 -8.71 20.56 -31.86
CA GLU A 391 -8.25 21.49 -32.91
C GLU A 391 -8.22 20.78 -34.28
N GLY A 392 -8.12 19.46 -34.26
CA GLY A 392 -8.18 18.64 -35.47
C GLY A 392 -9.57 18.08 -35.72
N ALA A 393 -10.53 18.45 -34.89
CA ALA A 393 -11.92 17.96 -34.97
C ALA A 393 -11.99 16.43 -35.03
N GLU A 394 -11.46 15.78 -33.98
CA GLU A 394 -11.40 14.32 -33.91
C GLU A 394 -12.01 13.76 -32.60
N CYS A 395 -12.60 14.63 -31.79
CA CYS A 395 -13.26 14.23 -30.54
C CYS A 395 -14.45 13.30 -30.76
N LYS A 396 -14.62 12.34 -29.85
CA LYS A 396 -15.75 11.41 -29.89
C LYS A 396 -17.09 12.14 -29.87
N SER A 397 -18.09 11.53 -30.50
CA SER A 397 -19.45 12.04 -30.45
C SER A 397 -20.23 11.29 -29.37
N PHE A 398 -20.76 12.04 -28.41
CA PHE A 398 -21.57 11.43 -27.33
C PHE A 398 -22.98 12.02 -27.30
N ASP A 401 -27.40 12.92 -22.65
CA ASP A 401 -27.72 11.98 -21.58
C ASP A 401 -26.66 10.88 -21.43
N HIS A 402 -25.45 11.13 -21.96
CA HIS A 402 -24.36 10.13 -21.91
C HIS A 402 -24.03 9.68 -20.48
N ALA A 403 -23.99 10.63 -19.54
CA ALA A 403 -23.75 10.32 -18.14
C ALA A 403 -24.72 9.27 -17.60
N ASP A 404 -26.02 9.44 -17.90
CA ASP A 404 -27.03 8.46 -17.51
C ASP A 404 -26.84 7.13 -18.23
N GLN A 405 -26.56 7.19 -19.52
CA GLN A 405 -26.36 5.97 -20.30
C GLN A 405 -25.23 5.11 -19.74
N VAL A 406 -24.10 5.74 -19.44
CA VAL A 406 -22.93 5.04 -18.87
C VAL A 406 -23.23 4.46 -17.49
N ALA A 407 -23.89 5.24 -16.63
CA ALA A 407 -24.26 4.83 -15.28
C ALA A 407 -25.20 3.62 -15.32
N ASP A 408 -26.17 3.65 -16.23
CA ASP A 408 -27.09 2.53 -16.42
C ASP A 408 -26.35 1.29 -16.93
N TRP A 409 -25.40 1.47 -17.84
CA TRP A 409 -24.58 0.37 -18.35
C TRP A 409 -23.74 -0.27 -17.24
N LEU A 410 -23.09 0.56 -16.41
CA LEU A 410 -22.35 0.07 -15.25
C LEU A 410 -23.27 -0.75 -14.33
N ALA A 411 -24.49 -0.26 -14.09
CA ALA A 411 -25.47 -0.97 -13.27
C ALA A 411 -25.91 -2.29 -13.91
N ALA A 412 -25.99 -2.31 -15.23
CA ALA A 412 -26.31 -3.56 -15.95
C ALA A 412 -25.21 -4.61 -15.77
N ARG A 413 -23.97 -4.16 -15.87
CA ARG A 413 -22.79 -5.03 -15.70
C ARG A 413 -22.55 -5.42 -14.25
N GLN A 414 -22.87 -4.50 -13.34
CA GLN A 414 -22.68 -4.74 -11.90
C GLN A 414 -23.86 -4.19 -11.08
N PRO A 415 -24.94 -5.00 -10.96
CA PRO A 415 -26.12 -4.58 -10.22
C PRO A 415 -25.82 -4.25 -8.77
N LYS A 416 -24.70 -4.75 -8.25
CA LYS A 416 -24.34 -4.52 -6.85
C LYS A 416 -23.28 -3.42 -6.69
N LEU A 417 -23.21 -2.51 -7.67
CA LEU A 417 -22.28 -1.37 -7.59
C LEU A 417 -22.66 -0.45 -6.43
N VAL A 418 -21.71 0.37 -6.01
CA VAL A 418 -21.86 1.19 -4.82
C VAL A 418 -21.66 2.65 -5.23
N THR A 419 -22.75 3.42 -5.25
CA THR A 419 -22.70 4.82 -5.65
C THR A 419 -22.04 5.63 -4.54
N SER A 420 -21.70 6.88 -4.82
CA SER A 420 -21.22 7.80 -3.77
C SER A 420 -22.17 7.80 -2.57
N ALA A 421 -23.47 7.87 -2.83
CA ALA A 421 -24.50 7.87 -1.80
C ALA A 421 -24.40 6.63 -0.90
N HIS A 422 -24.19 5.48 -1.54
CA HIS A 422 -24.13 4.22 -0.83
C HIS A 422 -22.82 4.05 -0.06
N TRP A 423 -21.71 4.58 -0.61
CA TRP A 423 -20.47 4.72 0.17
C TRP A 423 -20.71 5.57 1.43
N GLN A 424 -21.41 6.70 1.26
CA GLN A 424 -21.70 7.57 2.39
C GLN A 424 -22.45 6.85 3.52
N VAL A 425 -23.30 5.90 3.14
CA VAL A 425 -24.02 5.06 4.11
C VAL A 425 -23.05 4.16 4.91
N ILE A 426 -22.20 3.43 4.20
CA ILE A 426 -21.13 2.64 4.81
C ILE A 426 -20.29 3.50 5.75
N ASP A 427 -19.85 4.65 5.24
CA ASP A 427 -18.99 5.57 6.00
C ASP A 427 -19.64 6.00 7.32
N ALA A 428 -20.89 6.46 7.25
CA ALA A 428 -21.61 6.90 8.44
C ALA A 428 -21.81 5.76 9.45
N PHE A 429 -22.17 4.58 8.95
CA PHE A 429 -22.32 3.40 9.77
C PHE A 429 -21.03 3.02 10.51
N GLU A 430 -19.92 2.97 9.78
CA GLU A 430 -18.65 2.58 10.37
C GLU A 430 -18.18 3.57 11.41
N ARG A 431 -18.32 4.86 11.11
CA ARG A 431 -17.95 5.90 12.09
C ARG A 431 -18.85 5.90 13.33
N ALA A 432 -20.16 5.70 13.14
CA ALA A 432 -21.09 5.59 14.25
C ALA A 432 -20.75 4.41 15.15
N ALA A 433 -20.28 3.30 14.53
CA ALA A 433 -19.91 2.10 15.26
C ALA A 433 -18.71 2.36 16.19
N GLY A 434 -17.86 3.32 15.81
CA GLY A 434 -16.67 3.63 16.60
C GLY A 434 -16.92 4.54 17.79
N GLU A 435 -18.02 5.29 17.72
CA GLU A 435 -18.38 6.29 18.76
C GLU A 435 -18.38 5.77 20.21
N PRO A 436 -19.16 4.70 20.50
CA PRO A 436 -19.25 4.26 21.89
C PRO A 436 -17.91 3.94 22.55
N HIS A 437 -16.95 3.42 21.78
CA HIS A 437 -15.67 3.06 22.39
C HIS A 437 -14.52 3.96 21.95
N GLY A 438 -14.85 5.17 21.50
CA GLY A 438 -13.83 6.16 21.19
C GLY A 438 -12.84 5.69 20.14
N ARG A 439 -13.37 5.12 19.05
CA ARG A 439 -12.56 4.73 17.88
C ARG A 439 -13.05 5.53 16.68
N PRO A 440 -12.13 5.89 15.76
CA PRO A 440 -12.55 6.71 14.61
C PRO A 440 -13.62 6.01 13.75
N ARG A 441 -13.52 4.69 13.64
CA ARG A 441 -14.51 3.88 12.95
C ARG A 441 -14.27 2.41 13.29
N VAL A 442 -15.29 1.59 13.08
CA VAL A 442 -15.11 0.14 13.12
C VAL A 442 -15.51 -0.34 11.74
N LYS A 443 -14.54 -0.89 11.02
CA LYS A 443 -14.74 -1.24 9.61
C LYS A 443 -15.55 -2.52 9.42
N LEU A 444 -16.40 -2.50 8.38
CA LEU A 444 -17.03 -3.72 7.88
C LEU A 444 -15.96 -4.45 7.05
N ALA A 445 -15.66 -5.68 7.48
CA ALA A 445 -14.44 -6.38 7.07
C ALA A 445 -14.58 -7.38 5.92
N SER A 446 -15.80 -7.55 5.43
CA SER A 446 -16.06 -8.44 4.29
C SER A 446 -16.96 -7.74 3.30
N LEU A 447 -16.93 -8.21 2.04
CA LEU A 447 -17.79 -7.63 1.02
C LEU A 447 -19.25 -7.79 1.41
N ALA A 448 -19.61 -8.96 1.93
CA ALA A 448 -21.00 -9.21 2.32
C ALA A 448 -21.48 -8.19 3.36
N GLU A 449 -20.64 -7.88 4.34
CA GLU A 449 -21.02 -6.91 5.37
C GLU A 449 -21.12 -5.50 4.81
N LEU A 450 -20.16 -5.12 3.96
CA LEU A 450 -20.13 -3.83 3.29
C LEU A 450 -21.39 -3.58 2.46
N LEU A 451 -21.79 -4.59 1.69
CA LEU A 451 -22.99 -4.49 0.86
C LEU A 451 -24.30 -4.58 1.66
N ARG A 452 -24.31 -5.32 2.76
CA ARG A 452 -25.47 -5.42 3.65
C ARG A 452 -25.87 -4.02 4.10
N ILE A 453 -24.87 -3.27 4.57
CA ILE A 453 -25.06 -1.87 4.96
C ILE A 453 -25.23 -0.94 3.75
N GLY A 454 -24.30 -1.00 2.80
CA GLY A 454 -24.30 -0.08 1.68
C GLY A 454 -25.55 -0.13 0.81
N LEU A 455 -26.00 -1.35 0.52
CA LEU A 455 -27.10 -1.56 -0.43
C LEU A 455 -28.42 -1.91 0.25
N GLY A 456 -28.45 -1.82 1.57
CA GLY A 456 -29.72 -2.01 2.30
C GLY A 456 -30.80 -1.04 1.85
PA FAD B . -3.52 2.62 -4.09
O1A FAD B . -3.07 1.19 -3.88
O2A FAD B . -3.53 3.54 -2.88
O5B FAD B . -4.97 2.66 -4.74
C5B FAD B . -5.27 1.80 -5.84
C4B FAD B . -6.80 1.59 -5.89
O4B FAD B . -7.10 0.89 -7.09
C3B FAD B . -7.30 0.70 -4.75
O3B FAD B . -8.40 1.32 -4.10
C2B FAD B . -7.71 -0.59 -5.45
O2B FAD B . -8.78 -1.28 -4.83
C1B FAD B . -8.08 -0.08 -6.85
N9A FAD B . -7.98 -1.11 -7.90
C8A FAD B . -6.95 -1.97 -8.14
N7A FAD B . -7.28 -2.74 -9.21
C5A FAD B . -8.50 -2.37 -9.65
C6A FAD B . -9.32 -2.83 -10.69
N6A FAD B . -8.87 -3.78 -11.51
N1A FAD B . -10.55 -2.25 -10.92
C2A FAD B . -10.99 -1.23 -10.08
N3A FAD B . -10.17 -0.80 -9.05
C4A FAD B . -8.96 -1.34 -8.84
N1 FAD B . 2.56 6.78 2.52
C2 FAD B . 2.64 7.84 3.39
O2 FAD B . 2.83 8.98 2.93
N3 FAD B . 2.50 7.61 4.74
C4 FAD B . 2.26 6.33 5.24
O4 FAD B . 2.13 6.14 6.45
C4X FAD B . 2.16 5.24 4.35
N5 FAD B . 1.93 3.95 4.81
C5X FAD B . 1.85 2.90 3.90
C6 FAD B . 1.63 1.60 4.35
C7 FAD B . 1.54 0.54 3.45
C7M FAD B . 1.40 -0.86 4.00
C8 FAD B . 1.70 0.80 2.08
C8M FAD B . 1.83 -0.30 1.07
C9 FAD B . 1.94 2.09 1.62
C9A FAD B . 2.01 3.16 2.53
N10 FAD B . 2.24 4.46 2.08
C10 FAD B . 2.32 5.50 2.99
C1' FAD B . 2.40 4.78 0.62
C2' FAD B . 1.05 5.08 -0.06
O2' FAD B . 0.11 4.14 0.42
C3' FAD B . 1.18 5.05 -1.59
O3' FAD B . 2.08 6.04 -2.01
C4' FAD B . -0.16 5.31 -2.30
O4' FAD B . -1.26 4.72 -1.63
C5' FAD B . -0.13 4.81 -3.75
O5' FAD B . -1.33 5.31 -4.32
P FAD B . -1.98 4.62 -5.62
O1P FAD B . -3.10 5.50 -6.03
O2P FAD B . -0.97 4.38 -6.70
O3P FAD B . -2.49 3.15 -5.20
O1X ODP C . 16.58 -4.10 -2.06
P2B ODP C . 17.11 -3.76 -0.71
O2X ODP C . 17.17 -2.28 -0.48
O3X ODP C . 18.36 -4.52 -0.33
O2B ODP C . 16.05 -4.34 0.35
C2B ODP C . 14.66 -4.20 0.14
C3B ODP C . 14.00 -3.16 1.05
O3B ODP C . 14.64 -3.14 2.33
C1B ODP C . 13.96 -5.43 0.68
N9A ODP C . 14.01 -6.61 -0.21
C8A ODP C . 13.60 -6.71 -1.49
N7A ODP C . 13.81 -8.00 -1.89
C5A ODP C . 14.35 -8.68 -0.85
C4A ODP C . 14.47 -7.80 0.21
N3A ODP C . 14.99 -8.21 1.40
C2A ODP C . 15.37 -9.50 1.54
N1A ODP C . 15.25 -10.38 0.53
C6A ODP C . 14.76 -10.01 -0.67
N6A ODP C . 14.66 -10.91 -1.70
O4B ODP C . 12.60 -5.05 0.87
C4B ODP C . 12.58 -3.68 1.27
C5B ODP C . 11.56 -2.93 0.42
O5B ODP C . 11.49 -1.62 0.94
PA ODP C . 10.62 -0.51 0.17
O1A ODP C . 10.71 0.78 0.97
O2A ODP C . 10.97 -0.49 -1.29
O3 ODP C . 9.11 -1.14 0.19
PN ODP C . 7.96 -1.08 1.33
O1N ODP C . 8.51 -1.15 2.73
O2N ODP C . 6.94 -2.07 0.84
O5D ODP C . 7.29 0.37 1.16
C5D ODP C . 6.78 0.80 -0.12
C4D ODP C . 6.79 2.33 -0.27
O4D ODP C . 5.75 2.88 0.56
C1D ODP C . 6.31 3.85 1.47
C2D ODP C . 7.78 3.43 1.57
O2D ODP C . 8.63 4.49 2.04
C3D ODP C . 8.12 2.93 0.18
O3D ODP C . 8.43 4.01 -0.71
N1N ODP C . 5.84 3.85 2.85
C2N ODP C . 6.00 4.99 3.54
C3N ODP C . 5.63 5.11 4.88
C7N ODP C . 5.83 6.45 5.53
N7N ODP C . 5.45 6.71 6.71
O7N ODP C . 6.44 7.39 4.82
C4N ODP C . 5.12 4.00 5.52
O99 ODP C . 4.82 4.02 6.74
C5N ODP C . 4.99 2.79 4.80
C6N ODP C . 5.36 2.74 3.46
NA NA D . 4.39 3.64 8.85
#